data_6F4O
#
_entry.id   6F4O
#
_cell.length_a   49.434
_cell.length_b   64.411
_cell.length_c   77.491
_cell.angle_alpha   90.00
_cell.angle_beta   90.00
_cell.angle_gamma   90.00
#
_symmetry.space_group_name_H-M   'P 21 21 21'
#
loop_
_entity.id
_entity.type
_entity.pdbx_description
1 polymer 'JmjC domain-containing protein 5'
2 non-polymer 'MANGANESE (II) ION'
3 non-polymer 'SUCCINIC ACID'
4 non-polymer 2-AMINO-2-HYDROXYMETHYL-PROPANE-1,3-DIOL
5 water water
#
_entity_poly.entity_id   1
_entity_poly.type   'polypeptide(L)'
_entity_poly.pdbx_seq_one_letter_code
;HHHHHHSSGVDLGTENLYFQSTVPRLHRPSLQHFREQFLVPGRPVILKGVADHWPCMQKWSLEYIQEIAGCRTVPVEVGS
RYTDEEWSQTLMTVNEFISKYIVNEPRDVGYLAQHQLFDQIPELKQDISIPDYCSLGDGEEEEITINAWFGPQGTISPLH
QDPQQNFLVQVMGRKYIRLYSPQESGALYPHDTHLLHNTSQVDVENPDLEKFPKFAKAPFLSCILSPGEILFIPVKYWHY
VRALDLSFSVSFWWS
;
_entity_poly.pdbx_strand_id   A
#
loop_
_chem_comp.id
_chem_comp.type
_chem_comp.name
_chem_comp.formula
MN non-polymer 'MANGANESE (II) ION' 'Mn 2'
SIN non-polymer 'SUCCINIC ACID' 'C4 H6 O4'
TRS non-polymer 2-AMINO-2-HYDROXYMETHYL-PROPANE-1,3-DIOL 'C4 H12 N O3 1'
#
# COMPACT_ATOMS: atom_id res chain seq x y z
N SER A 21 -15.51 -8.99 -7.54
N SER A 21 -15.39 -9.04 -7.78
CA SER A 21 -14.91 -10.30 -7.30
CA SER A 21 -14.91 -10.35 -7.36
C SER A 21 -13.72 -10.15 -6.36
C SER A 21 -13.77 -10.17 -6.37
N THR A 22 -13.18 -11.26 -5.90
N THR A 22 -13.28 -11.27 -5.84
CA THR A 22 -12.14 -11.28 -4.88
CA THR A 22 -12.17 -11.19 -4.93
C THR A 22 -10.81 -11.65 -5.52
C THR A 22 -10.85 -11.39 -5.68
N VAL A 23 -9.77 -11.08 -5.00
CA VAL A 23 -8.43 -11.30 -5.52
C VAL A 23 -8.06 -12.73 -5.16
N PRO A 24 -7.56 -13.53 -6.10
CA PRO A 24 -7.20 -14.90 -5.77
C PRO A 24 -6.01 -14.99 -4.84
N ARG A 25 -6.00 -16.00 -3.98
CA ARG A 25 -4.89 -16.31 -3.09
C ARG A 25 -4.21 -17.58 -3.55
N LEU A 26 -2.89 -17.53 -3.70
CA LEU A 26 -2.10 -18.68 -4.11
C LEU A 26 -0.96 -18.89 -3.15
N HIS A 27 -0.71 -20.14 -2.80
CA HIS A 27 0.38 -20.48 -1.88
C HIS A 27 1.65 -20.70 -2.69
N ARG A 28 2.66 -19.87 -2.43
CA ARG A 28 4.00 -19.97 -2.99
C ARG A 28 3.96 -20.48 -4.43
N PRO A 29 3.33 -19.77 -5.35
CA PRO A 29 3.35 -20.24 -6.75
C PRO A 29 4.77 -20.21 -7.30
N SER A 30 5.04 -21.07 -8.27
CA SER A 30 6.35 -21.04 -8.91
C SER A 30 6.58 -19.71 -9.61
N LEU A 31 7.86 -19.35 -9.80
CA LEU A 31 8.19 -18.16 -10.58
C LEU A 31 7.53 -18.16 -11.95
N GLN A 32 7.55 -19.30 -12.64
CA GLN A 32 6.96 -19.37 -13.98
C GLN A 32 5.44 -19.18 -13.94
N HIS A 33 4.75 -19.79 -12.98
CA HIS A 33 3.31 -19.63 -12.88
C HIS A 33 2.97 -18.17 -12.56
N PHE A 34 3.68 -17.55 -11.62
CA PHE A 34 3.44 -16.15 -11.34
C PHE A 34 3.69 -15.31 -12.60
N ARG A 35 4.80 -15.56 -13.30
CA ARG A 35 5.10 -14.76 -14.49
C ARG A 35 4.01 -14.89 -15.53
N GLU A 36 3.63 -16.12 -15.84
CA GLU A 36 2.73 -16.33 -16.98
C GLU A 36 1.29 -15.96 -16.67
N GLN A 37 0.83 -16.18 -15.45
CA GLN A 37 -0.58 -16.01 -15.16
C GLN A 37 -0.89 -14.68 -14.48
N PHE A 38 0.11 -13.95 -13.98
CA PHE A 38 -0.15 -12.70 -13.27
C PHE A 38 0.72 -11.56 -13.74
N LEU A 39 2.04 -11.74 -13.78
CA LEU A 39 2.92 -10.62 -14.11
C LEU A 39 2.74 -10.15 -15.54
N VAL A 40 2.88 -11.07 -16.51
CA VAL A 40 2.75 -10.69 -17.91
C VAL A 40 1.36 -10.17 -18.26
N PRO A 41 0.26 -10.83 -17.89
CA PRO A 41 -1.06 -10.28 -18.21
C PRO A 41 -1.46 -9.11 -17.33
N GLY A 42 -0.76 -8.86 -16.24
CA GLY A 42 -1.12 -7.75 -15.37
C GLY A 42 -2.36 -8.01 -14.53
N ARG A 43 -2.40 -9.15 -13.84
N ARG A 43 -2.42 -9.17 -13.86
CA ARG A 43 -3.57 -9.54 -13.03
CA ARG A 43 -3.56 -9.54 -13.04
C ARG A 43 -3.18 -9.59 -11.56
C ARG A 43 -3.17 -9.58 -11.57
N PRO A 44 -3.95 -8.99 -10.66
CA PRO A 44 -3.60 -9.06 -9.24
C PRO A 44 -3.72 -10.45 -8.64
N VAL A 45 -2.98 -10.68 -7.56
CA VAL A 45 -3.00 -11.93 -6.82
C VAL A 45 -2.46 -11.68 -5.43
N ILE A 46 -2.90 -12.46 -4.48
CA ILE A 46 -2.30 -12.47 -3.13
C ILE A 46 -1.45 -13.71 -2.98
N LEU A 47 -0.21 -13.53 -2.59
CA LEU A 47 0.74 -14.60 -2.39
C LEU A 47 0.80 -14.95 -0.91
N LYS A 48 0.50 -16.21 -0.61
CA LYS A 48 0.53 -16.76 0.73
C LYS A 48 1.77 -17.62 0.89
N GLY A 49 2.26 -17.73 2.14
CA GLY A 49 3.37 -18.62 2.42
C GLY A 49 4.71 -18.10 1.97
N VAL A 50 4.80 -16.82 1.60
CA VAL A 50 6.01 -16.19 1.09
C VAL A 50 6.65 -15.33 2.17
N ALA A 51 5.91 -14.35 2.71
CA ALA A 51 6.40 -13.41 3.72
C ALA A 51 5.97 -13.80 5.13
N ASP A 52 5.22 -14.90 5.29
CA ASP A 52 4.58 -15.18 6.59
C ASP A 52 5.56 -15.42 7.73
N HIS A 53 6.78 -15.85 7.42
CA HIS A 53 7.78 -16.12 8.43
C HIS A 53 8.95 -15.14 8.38
N TRP A 54 8.80 -14.02 7.68
CA TRP A 54 9.82 -12.99 7.79
C TRP A 54 9.88 -12.51 9.24
N PRO A 55 11.06 -12.14 9.73
CA PRO A 55 11.18 -11.73 11.15
C PRO A 55 10.22 -10.61 11.54
N CYS A 56 9.95 -9.66 10.64
CA CYS A 56 9.06 -8.56 10.94
C CYS A 56 7.72 -9.04 11.47
N MET A 57 7.25 -10.20 11.01
CA MET A 57 5.89 -10.64 11.33
C MET A 57 5.72 -10.93 12.80
N GLN A 58 6.78 -11.36 13.48
CA GLN A 58 6.71 -11.55 14.92
C GLN A 58 7.37 -10.45 15.71
N LYS A 59 8.31 -9.72 15.12
CA LYS A 59 9.14 -8.81 15.91
C LYS A 59 8.54 -7.41 16.04
N TRP A 60 7.78 -6.96 15.05
CA TRP A 60 7.43 -5.53 14.96
C TRP A 60 6.21 -5.15 15.80
N SER A 61 6.38 -5.24 17.10
CA SER A 61 5.43 -4.60 18.00
C SER A 61 5.65 -3.08 18.03
N LEU A 62 4.67 -2.33 18.56
CA LEU A 62 4.87 -0.90 18.77
C LEU A 62 6.11 -0.66 19.60
N GLU A 63 6.33 -1.48 20.62
CA GLU A 63 7.47 -1.25 21.49
C GLU A 63 8.78 -1.46 20.74
N TYR A 64 8.82 -2.47 19.87
N TYR A 64 8.84 -2.47 19.87
CA TYR A 64 10.02 -2.72 19.09
CA TYR A 64 10.05 -2.69 19.11
C TYR A 64 10.28 -1.56 18.13
C TYR A 64 10.29 -1.54 18.13
N ILE A 65 9.24 -1.09 17.45
CA ILE A 65 9.36 0.07 16.57
C ILE A 65 9.87 1.28 17.35
N GLN A 66 9.35 1.50 18.55
CA GLN A 66 9.83 2.61 19.37
C GLN A 66 11.30 2.44 19.75
N GLU A 67 11.72 1.24 20.12
CA GLU A 67 13.11 1.00 20.50
C GLU A 67 14.07 1.23 19.34
N ILE A 68 13.70 0.79 18.13
N ILE A 68 13.71 0.78 18.13
CA ILE A 68 14.63 0.83 17.02
CA ILE A 68 14.63 0.85 17.01
C ILE A 68 14.57 2.14 16.23
C ILE A 68 14.59 2.19 16.29
N ALA A 69 13.40 2.81 16.20
CA ALA A 69 13.17 3.94 15.33
C ALA A 69 12.65 5.18 16.04
N GLY A 70 12.34 5.09 17.33
CA GLY A 70 11.59 6.16 18.00
C GLY A 70 12.15 7.56 17.85
N CYS A 71 13.47 7.70 17.89
N CYS A 71 13.48 7.70 17.87
CA CYS A 71 14.09 9.03 17.83
CA CYS A 71 14.11 9.00 17.83
C CYS A 71 14.28 9.57 16.42
C CYS A 71 14.28 9.57 16.43
N ARG A 72 13.98 8.80 15.40
CA ARG A 72 14.21 9.25 14.03
C ARG A 72 13.05 10.10 13.53
N THR A 73 13.37 11.04 12.66
CA THR A 73 12.37 11.92 12.05
C THR A 73 11.74 11.25 10.83
N VAL A 74 10.43 11.31 10.75
CA VAL A 74 9.68 10.75 9.64
C VAL A 74 8.66 11.77 9.13
N PRO A 75 8.30 11.69 7.85
CA PRO A 75 7.23 12.51 7.29
C PRO A 75 5.91 11.86 7.61
N VAL A 76 4.95 12.70 7.96
CA VAL A 76 3.63 12.26 8.38
C VAL A 76 2.61 13.06 7.60
N GLU A 77 1.66 12.38 7.00
CA GLU A 77 0.57 13.02 6.29
C GLU A 77 -0.59 13.13 7.25
N VAL A 78 -1.10 14.35 7.43
CA VAL A 78 -2.17 14.58 8.39
C VAL A 78 -3.43 15.02 7.68
N GLY A 79 -4.54 14.41 8.05
CA GLY A 79 -5.85 14.78 7.55
C GLY A 79 -6.40 13.72 6.61
N GLU A 86 -8.45 18.80 3.66
CA GLU A 86 -7.39 19.40 4.48
C GLU A 86 -6.24 18.41 4.69
N TRP A 87 -5.32 18.37 3.73
CA TRP A 87 -4.15 17.51 3.78
C TRP A 87 -2.91 18.35 4.03
N SER A 88 -2.06 17.92 4.96
CA SER A 88 -0.79 18.57 5.18
C SER A 88 0.26 17.50 5.41
N GLN A 89 1.52 17.88 5.19
CA GLN A 89 2.67 17.01 5.38
C GLN A 89 3.55 17.68 6.43
N THR A 90 3.86 16.94 7.49
CA THR A 90 4.69 17.45 8.56
C THR A 90 5.80 16.46 8.86
N LEU A 91 6.63 16.80 9.85
CA LEU A 91 7.75 15.99 10.29
C LEU A 91 7.69 15.85 11.79
N MET A 92 7.98 14.66 12.29
CA MET A 92 8.06 14.46 13.73
C MET A 92 8.83 13.18 13.98
N THR A 93 9.23 12.93 15.21
CA THR A 93 9.88 11.66 15.50
C THR A 93 8.85 10.53 15.49
N VAL A 94 9.36 9.31 15.29
CA VAL A 94 8.49 8.14 15.37
C VAL A 94 7.80 8.06 16.71
N ASN A 95 8.53 8.40 17.79
CA ASN A 95 7.90 8.40 19.12
C ASN A 95 6.74 9.37 19.17
N GLU A 96 6.92 10.57 18.62
CA GLU A 96 5.83 11.54 18.60
C GLU A 96 4.66 11.04 17.77
N PHE A 97 4.95 10.44 16.64
CA PHE A 97 3.89 9.92 15.77
C PHE A 97 3.06 8.91 16.52
N ILE A 98 3.74 7.97 17.19
CA ILE A 98 3.01 6.94 17.93
C ILE A 98 2.17 7.56 19.04
N SER A 99 2.75 8.49 19.78
N SER A 99 2.75 8.50 19.77
CA SER A 99 2.04 9.10 20.89
CA SER A 99 2.03 9.09 20.91
C SER A 99 0.81 9.87 20.42
C SER A 99 0.84 9.92 20.45
N LYS A 100 0.93 10.67 19.36
N LYS A 100 0.99 10.68 19.37
CA LYS A 100 -0.10 11.61 18.97
CA LYS A 100 -0.06 11.61 18.96
C LYS A 100 -1.14 11.01 18.03
C LYS A 100 -1.15 10.93 18.14
N TYR A 101 -0.78 10.03 17.23
CA TYR A 101 -1.67 9.52 16.20
C TYR A 101 -2.05 8.08 16.38
N ILE A 102 -1.41 7.34 17.28
CA ILE A 102 -1.76 5.93 17.48
C ILE A 102 -2.30 5.64 18.87
N VAL A 103 -1.51 5.92 19.90
CA VAL A 103 -1.82 5.47 21.28
C VAL A 103 -2.83 6.37 21.96
N ASN A 104 -2.59 7.67 21.95
CA ASN A 104 -3.52 8.54 22.66
C ASN A 104 -4.66 8.78 21.69
N GLU A 105 -5.86 8.97 22.26
CA GLU A 105 -7.07 9.12 21.45
C GLU A 105 -6.79 10.22 20.44
N PRO A 106 -6.42 9.89 19.22
CA PRO A 106 -5.92 10.95 18.33
C PRO A 106 -6.98 11.96 17.94
N ARG A 107 -6.53 13.18 17.70
N ARG A 107 -6.52 13.18 17.69
CA ARG A 107 -7.41 14.26 17.29
CA ARG A 107 -7.39 14.29 17.28
C ARG A 107 -7.67 14.28 15.78
C ARG A 107 -7.69 14.24 15.79
N ASP A 108 -6.72 13.82 14.98
CA ASP A 108 -6.90 13.71 13.53
C ASP A 108 -6.17 12.45 13.09
N VAL A 109 -6.40 12.10 11.83
CA VAL A 109 -5.74 10.97 11.21
C VAL A 109 -4.35 11.39 10.78
N GLY A 110 -3.35 10.63 11.21
CA GLY A 110 -1.99 10.81 10.74
C GLY A 110 -1.48 9.51 10.16
N TYR A 111 -0.64 9.61 9.12
CA TYR A 111 -0.19 8.41 8.41
C TYR A 111 1.27 8.59 8.06
N LEU A 112 2.13 7.66 8.51
CA LEU A 112 3.53 7.63 8.11
C LEU A 112 3.52 6.85 6.81
N ALA A 113 3.34 7.57 5.71
CA ALA A 113 3.05 7.01 4.39
C ALA A 113 4.22 7.15 3.42
N GLN A 114 4.43 6.14 2.63
CA GLN A 114 5.33 6.20 1.46
C GLN A 114 6.70 6.72 1.86
N HIS A 115 7.30 6.09 2.87
CA HIS A 115 8.58 6.53 3.41
C HIS A 115 9.61 5.42 3.35
N GLN A 116 10.81 5.74 2.85
CA GLN A 116 11.89 4.77 2.73
C GLN A 116 12.60 4.59 4.08
N LEU A 117 11.87 3.98 4.99
CA LEU A 117 12.31 3.82 6.37
C LEU A 117 13.46 2.85 6.49
N PHE A 118 13.61 1.94 5.54
CA PHE A 118 14.61 0.89 5.63
C PHE A 118 15.96 1.37 5.12
N ASP A 119 15.96 2.39 4.28
CA ASP A 119 17.20 3.07 3.94
C ASP A 119 17.67 3.93 5.09
N GLN A 120 16.71 4.55 5.78
CA GLN A 120 16.99 5.39 6.92
C GLN A 120 17.48 4.60 8.11
N ILE A 121 16.89 3.42 8.33
CA ILE A 121 17.17 2.58 9.48
C ILE A 121 17.55 1.18 8.99
N PRO A 122 18.81 1.00 8.59
CA PRO A 122 19.19 -0.29 7.99
C PRO A 122 19.00 -1.49 8.90
N GLU A 123 19.02 -1.31 10.21
CA GLU A 123 18.77 -2.43 11.12
C GLU A 123 17.44 -3.10 10.78
N LEU A 124 16.41 -2.33 10.40
CA LEU A 124 15.08 -2.88 10.12
C LEU A 124 15.07 -3.66 8.83
N LYS A 125 15.98 -3.34 7.92
N LYS A 125 15.99 -3.36 7.93
CA LYS A 125 16.06 -4.09 6.68
CA LYS A 125 16.07 -4.11 6.67
C LYS A 125 16.35 -5.57 6.92
C LYS A 125 16.33 -5.58 6.92
N GLN A 126 16.98 -5.91 8.04
CA GLN A 126 17.24 -7.28 8.41
C GLN A 126 15.99 -8.09 8.69
N ASP A 127 14.84 -7.44 8.88
CA ASP A 127 13.59 -8.10 9.25
C ASP A 127 12.70 -8.37 8.05
N ILE A 128 13.12 -7.99 6.85
CA ILE A 128 12.35 -8.17 5.63
C ILE A 128 13.28 -8.77 4.58
N SER A 129 12.72 -9.14 3.44
CA SER A 129 13.47 -9.67 2.30
C SER A 129 12.88 -9.08 1.04
N ILE A 130 13.64 -9.07 -0.05
CA ILE A 130 13.07 -8.77 -1.36
C ILE A 130 12.41 -10.05 -1.88
N PRO A 131 11.12 -10.03 -2.20
CA PRO A 131 10.51 -11.25 -2.78
C PRO A 131 11.26 -11.78 -4.00
N ASP A 132 11.38 -13.11 -4.08
CA ASP A 132 12.12 -13.72 -5.18
C ASP A 132 11.47 -13.42 -6.53
N TYR A 133 10.16 -13.15 -6.52
CA TYR A 133 9.46 -12.86 -7.76
C TYR A 133 9.93 -11.58 -8.41
N CYS A 134 10.54 -10.64 -7.65
CA CYS A 134 11.04 -9.42 -8.27
C CYS A 134 12.13 -9.71 -9.28
N SER A 135 12.78 -10.87 -9.19
CA SER A 135 13.83 -11.16 -10.16
C SER A 135 13.26 -11.45 -11.55
N LEU A 136 11.95 -11.58 -11.69
CA LEU A 136 11.33 -11.76 -12.99
C LEU A 136 11.24 -10.46 -13.76
N GLY A 137 11.49 -9.35 -13.09
CA GLY A 137 11.49 -8.05 -13.72
C GLY A 137 12.73 -7.82 -14.54
N ASP A 138 12.69 -6.74 -15.30
CA ASP A 138 13.76 -6.30 -16.15
C ASP A 138 14.64 -5.24 -15.49
N GLY A 139 14.28 -4.78 -14.29
CA GLY A 139 15.06 -3.80 -13.58
C GLY A 139 16.08 -4.41 -12.62
N GLU A 140 16.86 -3.54 -11.99
CA GLU A 140 17.91 -3.94 -11.08
C GLU A 140 17.39 -3.97 -9.66
N GLU A 141 17.82 -4.96 -8.90
CA GLU A 141 17.43 -5.02 -7.50
C GLU A 141 17.83 -3.75 -6.75
N GLU A 142 19.00 -3.18 -7.12
CA GLU A 142 19.47 -1.96 -6.48
C GLU A 142 18.48 -0.83 -6.59
N GLU A 143 17.61 -0.87 -7.59
CA GLU A 143 16.69 0.21 -7.83
C GLU A 143 15.31 -0.06 -7.23
N ILE A 144 15.07 -1.21 -6.60
CA ILE A 144 13.77 -1.47 -5.99
C ILE A 144 13.57 -0.48 -4.85
N THR A 145 12.40 0.17 -4.84
CA THR A 145 12.07 1.15 -3.80
C THR A 145 11.24 0.47 -2.73
N ILE A 146 11.67 0.51 -1.48
CA ILE A 146 10.98 -0.14 -0.37
C ILE A 146 10.39 0.95 0.51
N ASN A 147 9.09 1.01 0.61
CA ASN A 147 8.41 2.01 1.42
C ASN A 147 7.67 1.41 2.60
N ALA A 148 7.68 2.11 3.73
CA ALA A 148 6.86 1.77 4.88
C ALA A 148 5.58 2.57 4.85
N TRP A 149 4.53 1.96 5.37
CA TRP A 149 3.20 2.54 5.50
C TRP A 149 2.73 2.16 6.89
N PHE A 150 2.73 3.10 7.84
CA PHE A 150 2.45 2.80 9.24
C PHE A 150 1.45 3.83 9.76
N GLY A 151 0.32 3.36 10.29
CA GLY A 151 -0.65 4.29 10.78
C GLY A 151 -1.77 3.60 11.51
N PRO A 152 -2.64 4.41 12.10
CA PRO A 152 -3.79 3.88 12.82
C PRO A 152 -4.84 3.30 11.90
N GLN A 153 -5.81 2.64 12.54
CA GLN A 153 -7.05 2.34 11.87
C GLN A 153 -7.60 3.60 11.24
N GLY A 154 -8.13 3.49 10.02
CA GLY A 154 -8.81 4.56 9.33
C GLY A 154 -7.99 5.38 8.36
N THR A 155 -6.70 5.12 8.20
CA THR A 155 -5.96 5.76 7.13
C THR A 155 -6.55 5.35 5.80
N ILE A 156 -6.57 6.28 4.85
CA ILE A 156 -7.10 6.04 3.52
C ILE A 156 -6.11 6.55 2.50
N SER A 157 -5.71 5.71 1.55
N SER A 157 -5.80 5.72 1.52
CA SER A 157 -5.01 6.13 0.36
CA SER A 157 -5.03 6.07 0.33
C SER A 157 -6.04 6.16 -0.77
C SER A 157 -5.99 6.14 -0.86
N PRO A 158 -6.40 7.33 -1.29
CA PRO A 158 -7.39 7.43 -2.36
C PRO A 158 -6.96 6.69 -3.61
N LEU A 159 -7.94 6.41 -4.45
CA LEU A 159 -7.70 5.60 -5.66
C LEU A 159 -6.67 6.24 -6.58
N HIS A 160 -5.64 5.49 -6.91
CA HIS A 160 -4.52 6.03 -7.71
C HIS A 160 -3.76 4.87 -8.35
N GLN A 161 -2.86 5.21 -9.25
N GLN A 161 -2.81 5.26 -9.21
CA GLN A 161 -2.07 4.19 -9.90
CA GLN A 161 -1.93 4.35 -9.96
C GLN A 161 -0.61 4.59 -9.78
C GLN A 161 -0.48 4.55 -9.52
N ASP A 162 0.24 3.57 -9.73
N ASP A 162 0.31 3.45 -9.61
CA ASP A 162 1.68 3.79 -9.61
CA ASP A 162 1.77 3.47 -9.44
C ASP A 162 2.40 3.34 -10.87
C ASP A 162 2.48 3.17 -10.77
N PRO A 163 3.62 3.82 -11.07
CA PRO A 163 4.32 3.59 -12.35
C PRO A 163 5.21 2.37 -12.38
N GLN A 164 5.23 1.52 -11.36
CA GLN A 164 5.99 0.28 -11.33
C GLN A 164 5.10 -0.81 -10.77
N GLN A 165 5.54 -2.06 -10.91
CA GLN A 165 4.92 -3.20 -10.23
C GLN A 165 5.07 -2.98 -8.74
N ASN A 166 4.11 -3.57 -7.98
N ASN A 166 4.15 -3.56 -7.96
CA ASN A 166 4.17 -3.42 -6.53
CA ASN A 166 4.15 -3.35 -6.52
C ASN A 166 3.86 -4.73 -5.84
C ASN A 166 3.82 -4.66 -5.81
N PHE A 167 4.69 -5.12 -4.89
CA PHE A 167 4.30 -6.09 -3.87
C PHE A 167 4.05 -5.35 -2.55
N LEU A 168 2.81 -5.42 -2.07
CA LEU A 168 2.43 -4.81 -0.81
C LEU A 168 2.33 -5.90 0.24
N VAL A 169 3.24 -5.88 1.21
CA VAL A 169 3.36 -6.92 2.21
C VAL A 169 2.71 -6.40 3.49
N GLN A 170 1.74 -7.12 4.02
CA GLN A 170 1.03 -6.70 5.20
C GLN A 170 1.68 -7.32 6.43
N VAL A 171 2.10 -6.50 7.39
CA VAL A 171 2.83 -6.95 8.57
C VAL A 171 1.97 -6.93 9.82
N MET A 172 1.28 -5.83 10.06
N MET A 172 1.33 -5.80 10.09
CA MET A 172 0.47 -5.60 11.24
CA MET A 172 0.46 -5.64 11.23
C MET A 172 -0.90 -5.12 10.77
C MET A 172 -0.90 -5.16 10.73
N GLY A 173 -1.96 -5.69 11.31
CA GLY A 173 -3.29 -5.22 10.99
C GLY A 173 -3.77 -5.63 9.62
N ARG A 174 -4.99 -5.22 9.28
CA ARG A 174 -5.62 -5.56 8.02
C ARG A 174 -5.97 -4.31 7.23
N LYS A 175 -5.99 -4.45 5.90
CA LYS A 175 -6.41 -3.38 5.02
C LYS A 175 -7.48 -3.84 4.03
N TYR A 176 -8.49 -3.00 3.81
CA TYR A 176 -9.46 -3.18 2.75
C TYR A 176 -8.90 -2.53 1.49
N ILE A 177 -8.82 -3.28 0.40
CA ILE A 177 -8.20 -2.81 -0.84
C ILE A 177 -9.15 -3.04 -1.98
N ARG A 178 -9.34 -2.01 -2.81
N ARG A 178 -9.38 -2.00 -2.77
CA ARG A 178 -10.15 -2.03 -4.01
CA ARG A 178 -10.12 -2.14 -4.01
C ARG A 178 -9.23 -1.81 -5.21
C ARG A 178 -9.20 -1.86 -5.18
N LEU A 179 -9.39 -2.61 -6.26
CA LEU A 179 -8.52 -2.60 -7.43
C LEU A 179 -9.33 -2.48 -8.71
N TYR A 180 -8.98 -1.51 -9.55
CA TYR A 180 -9.61 -1.30 -10.84
C TYR A 180 -8.54 -1.38 -11.92
N SER A 181 -8.85 -2.12 -12.99
N SER A 181 -8.78 -2.18 -12.95
CA SER A 181 -7.93 -2.30 -14.09
CA SER A 181 -7.76 -2.33 -13.97
C SER A 181 -7.62 -0.98 -14.80
C SER A 181 -7.61 -1.05 -14.78
N PRO A 182 -6.43 -0.83 -15.39
CA PRO A 182 -6.21 0.35 -16.24
C PRO A 182 -7.19 0.46 -17.39
N GLN A 183 -7.80 -0.65 -17.79
CA GLN A 183 -8.82 -0.58 -18.84
C GLN A 183 -10.06 0.19 -18.40
N GLU A 184 -10.26 0.39 -17.09
CA GLU A 184 -11.40 1.13 -16.58
C GLU A 184 -11.10 2.60 -16.32
N SER A 185 -9.94 3.12 -16.75
CA SER A 185 -9.53 4.47 -16.38
C SER A 185 -10.58 5.53 -16.72
N GLY A 186 -11.31 5.35 -17.83
CA GLY A 186 -12.29 6.34 -18.24
C GLY A 186 -13.49 6.47 -17.31
N ALA A 187 -13.72 5.48 -16.46
CA ALA A 187 -14.77 5.51 -15.46
C ALA A 187 -14.29 6.00 -14.10
N LEU A 188 -13.01 6.35 -13.99
CA LEU A 188 -12.43 6.71 -12.71
C LEU A 188 -12.08 8.18 -12.65
N TYR A 189 -12.32 8.92 -13.74
CA TYR A 189 -12.21 10.36 -13.75
C TYR A 189 -10.90 10.83 -13.12
N PRO A 190 -9.78 10.55 -13.78
CA PRO A 190 -8.50 11.06 -13.29
C PRO A 190 -8.50 12.56 -13.27
N HIS A 191 -7.78 13.13 -12.29
CA HIS A 191 -7.57 14.58 -12.28
C HIS A 191 -6.85 15.01 -13.57
N ASP A 192 -7.17 16.21 -14.04
CA ASP A 192 -6.69 16.66 -15.34
C ASP A 192 -5.26 17.19 -15.28
N THR A 193 -4.82 17.67 -14.12
CA THR A 193 -3.49 18.22 -14.02
C THR A 193 -2.45 17.12 -14.19
N HIS A 194 -1.37 17.43 -14.90
CA HIS A 194 -0.31 16.44 -15.06
C HIS A 194 0.14 15.89 -13.70
N LEU A 195 0.22 16.76 -12.70
CA LEU A 195 0.70 16.35 -11.38
C LEU A 195 -0.20 15.30 -10.74
N LEU A 196 -1.51 15.38 -10.97
CA LEU A 196 -2.44 14.47 -10.31
C LEU A 196 -3.12 13.53 -11.28
N HIS A 197 -2.60 13.39 -12.51
N HIS A 197 -2.60 13.39 -12.51
CA HIS A 197 -3.28 12.57 -13.51
CA HIS A 197 -3.27 12.57 -13.51
C HIS A 197 -3.28 11.10 -13.12
C HIS A 197 -3.30 11.10 -13.12
N ASN A 198 -2.49 10.69 -12.15
N ASN A 198 -2.49 10.70 -12.14
CA ASN A 198 -2.49 9.30 -11.70
CA ASN A 198 -2.47 9.31 -11.69
C ASN A 198 -3.40 9.08 -10.49
C ASN A 198 -3.41 9.05 -10.52
N THR A 199 -4.28 10.04 -10.18
N THR A 199 -4.21 10.05 -10.13
CA THR A 199 -5.16 9.96 -9.03
CA THR A 199 -5.16 9.92 -9.04
C THR A 199 -6.59 10.23 -9.48
C THR A 199 -6.56 10.14 -9.58
N SER A 200 -7.50 9.39 -9.02
CA SER A 200 -8.92 9.52 -9.36
C SER A 200 -9.54 10.69 -8.60
N GLN A 201 -10.53 11.34 -9.22
CA GLN A 201 -11.33 12.32 -8.50
C GLN A 201 -12.43 11.69 -7.63
N VAL A 202 -12.66 10.40 -7.72
CA VAL A 202 -13.77 9.74 -7.03
C VAL A 202 -13.36 9.27 -5.64
N ASP A 203 -14.24 9.46 -4.64
N ASP A 203 -14.25 9.43 -4.66
CA ASP A 203 -14.10 8.80 -3.35
CA ASP A 203 -14.10 8.81 -3.34
C ASP A 203 -14.72 7.41 -3.45
C ASP A 203 -14.73 7.42 -3.42
N VAL A 204 -13.88 6.39 -3.47
CA VAL A 204 -14.33 5.04 -3.78
C VAL A 204 -15.50 4.63 -2.91
N GLU A 205 -15.40 4.85 -1.63
CA GLU A 205 -16.42 4.29 -0.72
C GLU A 205 -17.63 5.19 -0.54
N ASN A 206 -17.65 6.39 -1.11
CA ASN A 206 -18.84 7.24 -1.10
C ASN A 206 -18.82 8.09 -2.36
N PRO A 207 -18.99 7.47 -3.51
CA PRO A 207 -18.77 8.18 -4.77
C PRO A 207 -19.92 9.13 -5.03
N ASP A 208 -19.61 10.26 -5.65
CA ASP A 208 -20.66 11.21 -6.07
C ASP A 208 -21.10 10.78 -7.45
N LEU A 209 -22.18 10.03 -7.53
N LEU A 209 -22.16 10.00 -7.55
CA LEU A 209 -22.60 9.48 -8.81
CA LEU A 209 -22.54 9.46 -8.85
C LEU A 209 -23.30 10.49 -9.69
C LEU A 209 -23.41 10.42 -9.64
N GLU A 210 -23.69 11.64 -9.12
N GLU A 210 -23.76 11.58 -9.09
CA GLU A 210 -24.26 12.69 -9.95
CA GLU A 210 -24.28 12.65 -9.92
C GLU A 210 -23.18 13.31 -10.82
C GLU A 210 -23.16 13.24 -10.79
N LYS A 211 -21.97 13.44 -10.27
N LYS A 211 -21.98 13.44 -10.22
CA LYS A 211 -20.83 14.01 -10.98
CA LYS A 211 -20.85 14.00 -10.94
C LYS A 211 -19.97 12.96 -11.69
C LYS A 211 -20.13 12.93 -11.75
N PHE A 212 -19.98 11.73 -11.19
CA PHE A 212 -19.12 10.67 -11.72
C PHE A 212 -19.96 9.42 -12.01
N PRO A 213 -20.97 9.52 -12.87
CA PRO A 213 -21.89 8.37 -13.01
C PRO A 213 -21.26 7.11 -13.55
N LYS A 214 -20.21 7.24 -14.36
CA LYS A 214 -19.62 6.04 -14.97
C LYS A 214 -18.95 5.16 -13.92
N PHE A 215 -18.65 5.70 -12.74
CA PHE A 215 -17.94 4.93 -11.74
C PHE A 215 -18.78 3.75 -11.26
N ALA A 216 -20.09 3.91 -11.24
CA ALA A 216 -20.92 2.93 -10.56
C ALA A 216 -20.83 1.57 -11.20
N LYS A 217 -20.73 1.54 -12.51
CA LYS A 217 -20.74 0.25 -13.21
C LYS A 217 -19.35 -0.27 -13.51
N ALA A 218 -18.29 0.43 -13.12
CA ALA A 218 -16.95 -0.06 -13.40
C ALA A 218 -16.67 -1.31 -12.54
N PRO A 219 -16.25 -2.41 -13.15
CA PRO A 219 -15.92 -3.61 -12.38
C PRO A 219 -14.62 -3.45 -11.62
N PHE A 220 -14.49 -4.20 -10.56
CA PHE A 220 -13.32 -4.15 -9.69
C PHE A 220 -13.11 -5.48 -8.98
N LEU A 221 -11.95 -5.59 -8.36
CA LEU A 221 -11.62 -6.63 -7.40
C LEU A 221 -11.45 -6.01 -6.04
N SER A 222 -11.65 -6.81 -5.00
CA SER A 222 -11.37 -6.31 -3.66
C SER A 222 -10.85 -7.43 -2.78
N CYS A 223 -10.26 -7.03 -1.66
CA CYS A 223 -9.79 -7.98 -0.69
C CYS A 223 -9.64 -7.30 0.65
N ILE A 224 -9.53 -8.13 1.70
CA ILE A 224 -8.97 -7.72 2.98
C ILE A 224 -7.62 -8.41 3.08
N LEU A 225 -6.57 -7.60 3.12
CA LEU A 225 -5.19 -8.10 3.17
C LEU A 225 -4.81 -8.20 4.64
N SER A 226 -4.39 -9.38 5.06
N SER A 226 -4.36 -9.37 5.05
CA SER A 226 -4.07 -9.71 6.45
CA SER A 226 -4.06 -9.61 6.45
C SER A 226 -2.58 -9.95 6.65
C SER A 226 -2.59 -9.92 6.66
N PRO A 227 -2.12 -9.94 7.91
CA PRO A 227 -0.71 -10.10 8.17
C PRO A 227 -0.14 -11.36 7.54
N GLY A 228 1.06 -11.22 6.99
CA GLY A 228 1.77 -12.29 6.34
C GLY A 228 1.46 -12.45 4.89
N GLU A 229 0.45 -11.76 4.36
CA GLU A 229 0.06 -11.85 2.97
C GLU A 229 0.72 -10.77 2.11
N ILE A 230 0.97 -11.07 0.84
CA ILE A 230 1.50 -10.11 -0.12
C ILE A 230 0.48 -9.89 -1.21
N LEU A 231 0.11 -8.66 -1.48
CA LEU A 231 -0.72 -8.33 -2.63
C LEU A 231 0.17 -7.87 -3.78
N PHE A 232 0.03 -8.53 -4.93
CA PHE A 232 0.64 -8.04 -6.17
C PHE A 232 -0.31 -7.06 -6.82
N ILE A 233 0.15 -5.83 -6.97
CA ILE A 233 -0.58 -4.76 -7.67
C ILE A 233 0.16 -4.53 -8.99
N PRO A 234 -0.37 -4.99 -10.11
CA PRO A 234 0.32 -4.80 -11.41
C PRO A 234 0.55 -3.33 -11.68
N VAL A 235 1.64 -3.04 -12.40
CA VAL A 235 1.94 -1.68 -12.82
C VAL A 235 0.71 -1.00 -13.44
N LYS A 236 0.40 0.21 -12.97
N LYS A 236 0.40 0.20 -12.96
CA LYS A 236 -0.72 1.03 -13.40
CA LYS A 236 -0.70 1.03 -13.39
C LYS A 236 -2.10 0.53 -12.96
C LYS A 236 -2.09 0.54 -12.95
N TYR A 237 -2.20 -0.55 -12.22
CA TYR A 237 -3.52 -0.94 -11.68
C TYR A 237 -3.94 0.10 -10.65
N TRP A 238 -5.18 0.57 -10.75
CA TRP A 238 -5.69 1.55 -9.80
C TRP A 238 -5.97 0.83 -8.50
N HIS A 239 -5.57 1.45 -7.39
CA HIS A 239 -5.77 0.85 -6.08
C HIS A 239 -6.16 1.91 -5.06
N TYR A 240 -7.01 1.48 -4.12
CA TYR A 240 -7.54 2.27 -3.01
C TYR A 240 -7.36 1.42 -1.77
N VAL A 241 -6.94 2.03 -0.65
CA VAL A 241 -6.55 1.27 0.52
C VAL A 241 -7.06 1.93 1.79
N ARG A 242 -7.77 1.19 2.62
CA ARG A 242 -8.21 1.70 3.93
C ARG A 242 -7.76 0.76 5.03
N ALA A 243 -7.04 1.28 6.03
CA ALA A 243 -6.64 0.44 7.15
C ALA A 243 -7.82 0.15 8.08
N LEU A 244 -8.01 -1.12 8.43
CA LEU A 244 -9.10 -1.55 9.30
C LEU A 244 -8.68 -1.63 10.75
N ASP A 245 -7.39 -1.67 11.01
CA ASP A 245 -6.81 -1.77 12.34
C ASP A 245 -5.54 -0.95 12.30
N LEU A 246 -4.90 -0.74 13.45
CA LEU A 246 -3.50 -0.31 13.47
C LEU A 246 -2.71 -1.17 12.50
N SER A 247 -1.99 -0.52 11.58
CA SER A 247 -1.46 -1.23 10.44
C SER A 247 -0.04 -0.83 10.11
N PHE A 248 0.71 -1.80 9.61
CA PHE A 248 2.04 -1.59 9.07
C PHE A 248 2.17 -2.44 7.83
N SER A 249 2.44 -1.81 6.69
N SER A 249 2.53 -1.81 6.72
CA SER A 249 2.69 -2.50 5.43
CA SER A 249 2.70 -2.46 5.44
C SER A 249 4.05 -2.08 4.92
C SER A 249 4.02 -2.03 4.83
N VAL A 250 4.62 -2.94 4.06
CA VAL A 250 5.88 -2.67 3.39
C VAL A 250 5.66 -2.90 1.91
N SER A 251 5.90 -1.90 1.10
N SER A 251 5.92 -1.88 1.08
CA SER A 251 5.75 -2.07 -0.34
CA SER A 251 5.69 -1.94 -0.37
C SER A 251 7.10 -2.11 -1.03
C SER A 251 7.01 -1.96 -1.14
N PHE A 252 7.12 -2.87 -2.12
CA PHE A 252 8.31 -3.03 -2.97
C PHE A 252 7.89 -2.61 -4.36
N TRP A 253 8.47 -1.52 -4.85
N TRP A 253 8.43 -1.47 -4.83
CA TRP A 253 8.23 -1.03 -6.20
CA TRP A 253 8.24 -1.02 -6.21
C TRP A 253 9.38 -1.47 -7.09
C TRP A 253 9.40 -1.57 -7.05
N TRP A 254 9.04 -2.19 -8.17
CA TRP A 254 10.02 -2.90 -8.97
C TRP A 254 9.55 -2.97 -10.41
N SER A 255 10.49 -3.31 -11.29
N SER A 255 10.49 -3.23 -11.31
CA SER A 255 10.19 -3.43 -12.70
CA SER A 255 10.17 -3.32 -12.72
C SER A 255 10.97 -4.59 -13.27
C SER A 255 10.94 -4.46 -13.37
MN MN B . 0.15 3.33 -4.53
MN MN B . 0.37 2.92 -4.54
C1 SIN C . -1.57 2.21 1.56
C1 SIN C . -1.48 2.15 1.45
O1 SIN C . -2.26 2.96 2.28
O1 SIN C . -2.16 3.06 2.01
O2 SIN C . -1.12 1.10 1.92
O2 SIN C . -1.14 1.07 1.98
C2 SIN C . -1.38 2.71 0.12
C2 SIN C . -1.03 2.41 0.01
C3 SIN C . -0.28 1.98 -0.63
C3 SIN C . -0.06 1.35 -0.49
C4 SIN C . -0.10 2.53 -2.07
C4 SIN C . 0.42 1.61 -1.91
O3 SIN C . -0.75 3.50 -2.41
O3 SIN C . -0.20 2.45 -2.62
O4 SIN C . 0.71 1.97 -2.79
O4 SIN C . 1.43 0.97 -2.24
H21 SIN C . -2.27 2.79 -0.32
H21 SIN C . -1.83 2.60 -0.56
H22 SIN C . -0.85 3.55 0.12
H22 SIN C . -1.04 3.40 -0.17
H31 SIN C . -0.44 1.00 -0.59
H31 SIN C . -0.55 0.49 -0.65
H32 SIN C . 0.41 1.66 0.03
H32 SIN C . 0.77 1.36 0.07
C TRS D . 2.39 -5.89 -18.40
C1 TRS D . 3.53 -5.24 -17.67
C2 TRS D . 1.26 -6.21 -17.46
C3 TRS D . 2.93 -7.14 -19.08
N TRS D . 1.92 -5.01 -19.47
O1 TRS D . 4.14 -6.19 -16.81
O2 TRS D . 1.15 -5.18 -16.51
O3 TRS D . 4.23 -7.00 -19.55
H11 TRS D . 3.16 -4.39 -17.09
H12 TRS D . 4.27 -4.87 -18.38
H21 TRS D . 0.32 -6.29 -18.01
H22 TRS D . 1.45 -7.15 -16.96
H31 TRS D . 2.89 -7.96 -18.37
H32 TRS D . 2.27 -7.40 -19.91
HN1 TRS D . 1.19 -5.42 -20.04
HN2 TRS D . 1.74 -4.06 -19.16
HN3 TRS D . 2.71 -4.91 -20.09
HO1 TRS D . 4.88 -5.75 -16.34
HO2 TRS D . 0.42 -5.37 -15.89
HO3 TRS D . 4.52 -7.85 -19.96
#